data_9HTS
#
_entry.id   9HTS
#
_cell.length_a   28.833
_cell.length_b   121.797
_cell.length_c   44.547
_cell.angle_alpha   90.000
_cell.angle_beta   108.545
_cell.angle_gamma   90.000
#
_symmetry.space_group_name_H-M   'P 1 21 1'
#
loop_
_entity.id
_entity.type
_entity.pdbx_description
1 polymer 'Protein KHNYN'
2 water water
#
_entity_poly.entity_id   1
_entity_poly.type   'polypeptide(L)'
_entity_poly.pdbx_seq_one_letter_code
;GPASPDRFAVSAEAENKVREQQPHVERIFSVGVSVLPKDCPDNPHIWLQLEGPKENASRAKEYLKGLCSPELQDEIHYPP
KLHCIFLGAQGFFLDCLAWSTSAHLVPRAPGSLMISGLTEAFVMAQSRVEELAERLSWDFTPGPSSGASQCTGVLRDFSA
LLQSPGDAHREALLQLPLAVQEELLSLVQEASSG
;
_entity_poly.pdbx_strand_id   A,B
#
# COMPACT_ATOMS: atom_id res chain seq x y z
N ASP A 6 21.34 -5.10 -16.06
CA ASP A 6 22.34 -5.91 -15.27
C ASP A 6 21.59 -6.75 -14.24
N ARG A 7 22.05 -7.99 -14.04
CA ARG A 7 21.49 -8.91 -13.05
C ARG A 7 22.56 -9.27 -12.03
N PHE A 8 22.16 -9.96 -10.97
CA PHE A 8 23.12 -10.50 -10.02
C PHE A 8 22.49 -11.59 -9.16
N ALA A 9 23.35 -12.34 -8.46
CA ALA A 9 22.92 -13.53 -7.77
C ALA A 9 23.03 -13.33 -6.25
N VAL A 10 22.21 -14.08 -5.53
CA VAL A 10 22.29 -14.16 -4.09
C VAL A 10 21.95 -15.61 -3.73
N SER A 11 22.01 -15.93 -2.43
CA SER A 11 21.69 -17.26 -1.95
C SER A 11 20.21 -17.56 -2.19
N ALA A 12 19.94 -18.77 -2.68
CA ALA A 12 18.59 -19.27 -2.78
C ALA A 12 17.96 -19.32 -1.37
N GLU A 13 18.78 -19.62 -0.37
CA GLU A 13 18.31 -19.67 1.01
C GLU A 13 17.89 -18.30 1.52
N ALA A 14 18.19 -17.24 0.77
CA ALA A 14 17.84 -15.88 1.21
C ALA A 14 16.70 -15.28 0.38
N GLU A 15 16.03 -16.11 -0.42
CA GLU A 15 14.93 -15.65 -1.26
C GLU A 15 13.77 -15.16 -0.39
N ASN A 16 13.59 -15.83 0.75
CA ASN A 16 12.57 -15.45 1.71
C ASN A 16 12.79 -14.01 2.13
N LYS A 17 14.04 -13.63 2.32
CA LYS A 17 14.38 -12.29 2.76
C LYS A 17 14.05 -11.31 1.65
N VAL A 18 14.51 -11.62 0.42
CA VAL A 18 14.25 -10.76 -0.71
C VAL A 18 12.76 -10.43 -0.80
N ARG A 19 11.90 -11.44 -0.64
CA ARG A 19 10.47 -11.25 -0.80
C ARG A 19 9.85 -10.44 0.34
N GLU A 20 10.31 -10.66 1.58
CA GLU A 20 9.84 -9.86 2.70
C GLU A 20 10.13 -8.39 2.45
N GLN A 21 11.34 -8.09 1.95
CA GLN A 21 11.79 -6.71 1.85
C GLN A 21 11.37 -6.08 0.54
N GLN A 22 10.82 -6.88 -0.36
CA GLN A 22 10.59 -6.44 -1.72
C GLN A 22 9.84 -5.10 -1.70
N PRO A 23 8.68 -4.99 -1.03
CA PRO A 23 7.93 -3.75 -1.05
C PRO A 23 8.71 -2.56 -0.51
N HIS A 24 9.56 -2.79 0.49
CA HIS A 24 10.33 -1.71 1.07
C HIS A 24 11.38 -1.27 0.06
N VAL A 25 11.92 -2.24 -0.68
CA VAL A 25 12.95 -1.96 -1.66
C VAL A 25 12.33 -1.16 -2.80
N GLU A 26 11.14 -1.55 -3.20
CA GLU A 26 10.41 -0.84 -4.22
C GLU A 26 10.16 0.61 -3.79
N ARG A 27 9.65 0.80 -2.57
CA ARG A 27 9.33 2.13 -2.05
C ARG A 27 10.60 2.97 -1.93
N ILE A 28 11.67 2.42 -1.33
CA ILE A 28 12.84 3.22 -0.98
C ILE A 28 13.62 3.58 -2.25
N PHE A 29 13.89 2.59 -3.11
CA PHE A 29 14.72 2.85 -4.26
C PHE A 29 13.90 3.10 -5.52
N SER A 30 12.57 2.93 -5.42
CA SER A 30 11.69 3.06 -6.58
C SER A 30 12.16 2.15 -7.71
N VAL A 31 12.21 0.85 -7.41
CA VAL A 31 12.65 -0.14 -8.38
C VAL A 31 11.69 -1.33 -8.34
N GLY A 32 11.73 -2.12 -9.41
CA GLY A 32 11.11 -3.43 -9.43
C GLY A 32 12.15 -4.50 -9.12
N VAL A 33 11.78 -5.45 -8.26
CA VAL A 33 12.62 -6.60 -7.98
C VAL A 33 12.01 -7.84 -8.63
N SER A 34 12.78 -8.52 -9.50
CA SER A 34 12.34 -9.76 -10.13
C SER A 34 13.31 -10.85 -9.73
N VAL A 35 12.76 -12.02 -9.37
CA VAL A 35 13.55 -13.21 -9.15
C VAL A 35 13.34 -14.15 -10.33
N LEU A 36 14.45 -14.59 -10.95
CA LEU A 36 14.34 -15.51 -12.07
C LEU A 36 14.04 -16.90 -11.53
N PRO A 37 13.20 -17.70 -12.22
CA PRO A 37 13.09 -19.12 -11.91
C PRO A 37 14.45 -19.81 -11.98
N LYS A 38 14.66 -20.84 -11.14
CA LYS A 38 15.93 -21.55 -11.06
C LYS A 38 15.97 -22.61 -12.17
N ASP A 39 17.14 -22.81 -12.79
CA ASP A 39 17.23 -23.69 -13.94
C ASP A 39 17.24 -25.14 -13.47
N CYS A 40 17.72 -25.36 -12.25
CA CYS A 40 17.66 -26.67 -11.60
C CYS A 40 17.17 -26.48 -10.18
N PRO A 41 16.49 -27.48 -9.59
CA PRO A 41 16.02 -27.36 -8.21
C PRO A 41 17.12 -27.23 -7.17
N ASP A 42 18.22 -27.94 -7.42
CA ASP A 42 19.32 -28.00 -6.47
C ASP A 42 20.23 -26.77 -6.59
N ASN A 43 19.83 -25.74 -7.34
CA ASN A 43 20.61 -24.51 -7.48
C ASN A 43 20.77 -23.81 -6.13
N PRO A 44 22.01 -23.43 -5.76
CA PRO A 44 22.25 -22.75 -4.49
C PRO A 44 22.01 -21.26 -4.55
N HIS A 45 21.96 -20.73 -5.78
CA HIS A 45 21.74 -19.32 -6.04
C HIS A 45 20.41 -19.07 -6.76
N ILE A 46 19.99 -17.80 -6.71
CA ILE A 46 18.92 -17.27 -7.53
C ILE A 46 19.41 -15.98 -8.16
N TRP A 47 19.01 -15.74 -9.40
CA TRP A 47 19.32 -14.50 -10.08
C TRP A 47 18.23 -13.48 -9.79
N LEU A 48 18.65 -12.23 -9.57
CA LEU A 48 17.73 -11.12 -9.44
C LEU A 48 17.94 -10.15 -10.60
N GLN A 49 16.85 -9.46 -10.96
CA GLN A 49 16.91 -8.38 -11.92
C GLN A 49 16.15 -7.20 -11.33
N LEU A 50 16.75 -6.02 -11.44
CA LEU A 50 16.17 -4.84 -10.85
C LEU A 50 15.73 -3.90 -11.96
N GLU A 51 14.54 -3.34 -11.79
CA GLU A 51 13.90 -2.60 -12.86
C GLU A 51 13.80 -1.15 -12.41
N GLY A 52 14.42 -0.23 -13.15
CA GLY A 52 14.43 1.17 -12.79
C GLY A 52 15.72 1.84 -13.25
N PRO A 53 15.89 3.14 -12.93
CA PRO A 53 17.12 3.87 -13.24
C PRO A 53 18.37 3.25 -12.64
N LYS A 54 19.49 3.28 -13.36
CA LYS A 54 20.67 2.53 -12.95
C LYS A 54 21.15 2.99 -11.57
N GLU A 55 21.02 4.28 -11.29
CA GLU A 55 21.35 4.79 -9.97
C GLU A 55 20.58 4.02 -8.89
N ASN A 56 19.24 4.08 -8.99
CA ASN A 56 18.34 3.39 -8.08
C ASN A 56 18.72 1.92 -7.95
N ALA A 57 19.08 1.28 -9.07
CA ALA A 57 19.31 -0.16 -9.13
C ALA A 57 20.63 -0.54 -8.46
N SER A 58 21.66 0.27 -8.67
CA SER A 58 22.94 0.02 -8.01
C SER A 58 22.75 0.03 -6.48
N ARG A 59 21.96 0.99 -5.99
CA ARG A 59 21.80 1.16 -4.55
C ARG A 59 20.98 0.01 -3.98
N ALA A 60 19.94 -0.38 -4.72
CA ALA A 60 19.08 -1.48 -4.34
C ALA A 60 19.88 -2.77 -4.29
N LYS A 61 20.70 -2.99 -5.32
CA LYS A 61 21.62 -4.13 -5.39
C LYS A 61 22.42 -4.27 -4.08
N GLU A 62 23.06 -3.17 -3.67
CA GLU A 62 23.92 -3.21 -2.48
C GLU A 62 23.07 -3.46 -1.25
N TYR A 63 21.88 -2.86 -1.20
CA TYR A 63 20.94 -3.13 -0.13
C TYR A 63 20.63 -4.63 -0.08
N LEU A 64 20.25 -5.19 -1.24
CA LEU A 64 19.81 -6.58 -1.31
C LEU A 64 20.94 -7.54 -0.99
N LYS A 65 22.13 -7.32 -1.57
CA LYS A 65 23.30 -8.08 -1.19
C LYS A 65 23.47 -8.04 0.31
N GLY A 66 23.42 -6.84 0.87
CA GLY A 66 23.67 -6.66 2.29
C GLY A 66 22.58 -7.30 3.13
N LEU A 67 21.37 -7.29 2.58
CA LEU A 67 20.24 -7.86 3.29
C LEU A 67 20.39 -9.37 3.38
N CYS A 68 20.77 -9.99 2.26
CA CYS A 68 20.82 -11.44 2.17
C CYS A 68 21.96 -12.04 2.99
N SER A 69 23.12 -11.39 3.02
CA SER A 69 24.16 -11.82 3.94
C SER A 69 24.94 -10.60 4.37
N PRO A 70 24.52 -9.96 5.48
CA PRO A 70 25.18 -8.75 5.96
C PRO A 70 26.63 -9.01 6.33
N GLU A 71 27.53 -8.17 5.80
CA GLU A 71 28.91 -8.15 6.22
C GLU A 71 29.07 -7.51 7.59
N LEU A 72 28.12 -6.65 8.00
CA LEU A 72 28.14 -6.06 9.32
C LEU A 72 26.73 -5.96 9.86
N GLN A 73 26.56 -6.35 11.13
CA GLN A 73 25.31 -6.12 11.82
C GLN A 73 25.58 -5.74 13.28
N ASP A 74 25.10 -4.55 13.69
CA ASP A 74 25.42 -4.01 15.00
C ASP A 74 24.48 -2.83 15.33
N GLU A 75 24.30 -2.59 16.63
CA GLU A 75 23.55 -1.44 17.10
C GLU A 75 24.47 -0.22 17.24
N ILE A 76 23.98 0.91 16.72
CA ILE A 76 24.52 2.23 17.01
C ILE A 76 23.72 2.82 18.17
N HIS A 77 24.36 3.67 18.99
CA HIS A 77 23.74 4.23 20.18
C HIS A 77 23.89 5.74 20.17
N TYR A 78 22.79 6.42 20.52
CA TYR A 78 22.70 7.87 20.40
C TYR A 78 21.73 8.35 21.49
N PRO A 79 21.62 9.68 21.72
CA PRO A 79 20.65 10.22 22.66
C PRO A 79 19.23 9.82 22.33
N PRO A 80 18.49 9.23 23.30
CA PRO A 80 17.11 8.79 23.07
C PRO A 80 16.19 9.80 22.41
N LYS A 81 16.43 11.08 22.70
CA LYS A 81 15.60 12.14 22.16
C LYS A 81 15.81 12.31 20.65
N LEU A 82 16.79 11.63 20.08
CA LEU A 82 17.04 11.68 18.65
C LEU A 82 16.25 10.58 17.94
N HIS A 83 15.66 9.66 18.71
CA HIS A 83 15.02 8.47 18.18
C HIS A 83 13.81 8.82 17.31
N CYS A 84 13.18 9.96 17.56
CA CYS A 84 12.02 10.38 16.81
C CYS A 84 12.35 10.44 15.31
N ILE A 85 13.60 10.76 14.97
CA ILE A 85 14.00 10.93 13.58
C ILE A 85 13.77 9.65 12.78
N PHE A 86 13.89 8.49 13.44
CA PHE A 86 13.82 7.21 12.75
C PHE A 86 12.39 6.68 12.68
N LEU A 87 11.51 7.18 13.56
CA LEU A 87 10.12 6.75 13.62
C LEU A 87 9.16 7.77 13.02
N GLY A 88 9.53 9.04 13.02
CA GLY A 88 8.65 10.12 12.57
C GLY A 88 8.49 10.14 11.05
N ALA A 89 7.45 10.88 10.62
CA ALA A 89 7.04 10.98 9.24
C ALA A 89 6.87 9.60 8.62
N GLN A 90 6.35 8.66 9.42
CA GLN A 90 6.16 7.26 9.04
C GLN A 90 7.44 6.63 8.47
N GLY A 91 8.60 7.03 8.98
CA GLY A 91 9.86 6.40 8.63
C GLY A 91 10.52 7.06 7.42
N PHE A 92 10.02 8.24 7.06
CA PHE A 92 10.52 8.91 5.86
C PHE A 92 12.04 9.10 5.94
N PHE A 93 12.56 9.51 7.11
CA PHE A 93 13.98 9.85 7.19
C PHE A 93 14.83 8.60 7.14
N LEU A 94 14.39 7.57 7.86
CA LEU A 94 15.02 6.27 7.80
C LEU A 94 15.12 5.80 6.35
N ASP A 95 14.01 5.92 5.62
CA ASP A 95 14.00 5.60 4.21
C ASP A 95 15.06 6.40 3.43
N CYS A 96 15.15 7.71 3.66
CA CYS A 96 16.11 8.53 2.94
C CYS A 96 17.53 8.11 3.27
N LEU A 97 17.72 7.64 4.51
CA LEU A 97 19.03 7.21 4.96
C LEU A 97 19.41 5.87 4.36
N ALA A 98 18.43 4.96 4.30
CA ALA A 98 18.59 3.71 3.61
C ALA A 98 18.92 3.96 2.14
N TRP A 99 18.27 4.94 1.53
CA TRP A 99 18.55 5.27 0.14
C TRP A 99 20.00 5.69 0.00
N SER A 100 20.48 6.55 0.91
CA SER A 100 21.75 7.21 0.66
C SER A 100 22.91 6.27 1.01
N THR A 101 22.66 5.24 1.85
CA THR A 101 23.74 4.37 2.35
C THR A 101 23.63 2.93 1.83
N SER A 102 22.41 2.47 1.48
CA SER A 102 22.13 1.09 1.14
C SER A 102 22.19 0.17 2.36
N ALA A 103 22.23 0.78 3.54
CA ALA A 103 22.15 0.03 4.79
C ALA A 103 20.69 -0.28 5.12
N HIS A 104 20.48 -1.45 5.70
CA HIS A 104 19.21 -1.84 6.29
C HIS A 104 19.21 -1.31 7.72
N LEU A 105 18.18 -0.55 8.08
CA LEU A 105 18.09 0.19 9.33
C LEU A 105 16.85 -0.22 10.10
N VAL A 106 17.02 -0.65 11.36
CA VAL A 106 15.91 -1.05 12.19
C VAL A 106 16.01 -0.35 13.54
N PRO A 107 15.09 0.61 13.85
CA PRO A 107 15.02 1.20 15.19
C PRO A 107 14.72 0.16 16.26
N ARG A 108 15.44 0.24 17.38
CA ARG A 108 15.28 -0.68 18.50
C ARG A 108 14.77 0.12 19.69
N ALA A 109 15.41 0.00 20.86
CA ALA A 109 15.08 0.89 21.97
C ALA A 109 15.37 2.33 21.58
N PRO A 110 14.69 3.32 22.20
CA PRO A 110 15.05 4.72 21.99
C PRO A 110 16.54 4.94 22.23
N GLY A 111 17.23 5.50 21.25
CA GLY A 111 18.68 5.70 21.33
C GLY A 111 19.47 4.50 20.80
N SER A 112 18.79 3.61 20.06
CA SER A 112 19.44 2.43 19.50
C SER A 112 18.90 2.13 18.11
N LEU A 113 19.82 2.00 17.15
CA LEU A 113 19.45 1.72 15.78
C LEU A 113 20.31 0.55 15.31
N MET A 114 19.65 -0.54 14.91
CA MET A 114 20.32 -1.65 14.26
C MET A 114 20.62 -1.28 12.80
N ILE A 115 21.91 -1.27 12.44
CA ILE A 115 22.37 -1.02 11.09
C ILE A 115 22.98 -2.31 10.56
N SER A 116 22.74 -2.59 9.27
CA SER A 116 23.10 -3.90 8.72
C SER A 116 23.29 -3.75 7.22
N GLY A 117 24.26 -4.49 6.68
CA GLY A 117 24.51 -4.53 5.25
C GLY A 117 25.98 -4.83 4.95
N LEU A 118 26.38 -4.55 3.71
CA LEU A 118 27.77 -4.58 3.35
C LEU A 118 28.51 -3.60 4.26
N THR A 119 29.84 -3.69 4.27
CA THR A 119 30.61 -2.98 5.28
C THR A 119 30.63 -1.48 4.94
N GLU A 120 30.86 -1.13 3.67
CA GLU A 120 30.86 0.27 3.25
C GLU A 120 29.51 0.94 3.50
N ALA A 121 28.42 0.18 3.47
CA ALA A 121 27.10 0.71 3.74
C ALA A 121 26.88 0.94 5.24
N PHE A 122 27.31 -0.01 6.07
CA PHE A 122 27.21 0.13 7.53
C PHE A 122 28.00 1.36 8.01
N VAL A 123 29.22 1.57 7.50
CA VAL A 123 30.07 2.63 8.06
C VAL A 123 29.52 4.00 7.64
N MET A 124 28.95 4.08 6.43
CA MET A 124 28.48 5.35 5.89
C MET A 124 27.21 5.77 6.61
N ALA A 125 26.40 4.77 7.01
CA ALA A 125 25.19 4.98 7.79
C ALA A 125 25.53 5.35 9.23
N GLN A 126 26.50 4.64 9.81
CA GLN A 126 26.95 4.93 11.15
C GLN A 126 27.40 6.38 11.22
N SER A 127 28.19 6.75 10.21
CA SER A 127 28.77 8.06 10.09
C SER A 127 27.68 9.13 10.05
N ARG A 128 26.73 8.95 9.14
CA ARG A 128 25.62 9.87 9.02
C ARG A 128 24.79 9.95 10.30
N VAL A 129 24.60 8.83 11.01
CA VAL A 129 23.82 8.83 12.25
C VAL A 129 24.60 9.54 13.36
N GLU A 130 25.91 9.29 13.41
CA GLU A 130 26.78 9.99 14.33
C GLU A 130 26.71 11.50 14.11
N GLU A 131 26.74 11.96 12.85
CA GLU A 131 26.70 13.39 12.53
C GLU A 131 25.43 14.04 13.08
N LEU A 132 24.28 13.40 12.89
CA LEU A 132 23.00 13.88 13.42
C LEU A 132 23.10 14.04 14.94
N ALA A 133 23.57 12.97 15.60
CA ALA A 133 23.71 12.97 17.05
C ALA A 133 24.61 14.11 17.51
N GLU A 134 25.76 14.27 16.83
CA GLU A 134 26.70 15.32 17.18
C GLU A 134 25.94 16.65 17.15
N ARG A 135 25.19 16.90 16.07
CA ARG A 135 24.48 18.16 15.84
C ARG A 135 23.40 18.46 16.87
N LEU A 136 22.98 17.46 17.64
CA LEU A 136 22.05 17.69 18.74
C LEU A 136 22.72 18.54 19.81
N SER A 137 24.04 18.37 19.97
CA SER A 137 24.86 19.16 20.88
C SER A 137 25.05 20.59 20.40
N TRP A 138 24.74 20.86 19.11
CA TRP A 138 24.80 22.21 18.56
C TRP A 138 23.48 22.96 18.84
N ASP A 139 22.82 22.68 19.97
CA ASP A 139 21.74 23.52 20.45
C ASP A 139 22.35 24.67 21.25
N PHE A 140 21.85 25.88 21.00
CA PHE A 140 22.39 27.09 21.62
C PHE A 140 21.27 27.75 22.41
N THR A 141 20.41 26.90 22.99
CA THR A 141 19.45 27.31 23.99
C THR A 141 20.02 27.01 25.36
N CYS A 151 8.82 24.93 22.65
CA CYS A 151 9.42 25.06 21.30
C CYS A 151 10.63 26.00 21.36
N THR A 152 11.44 25.96 20.29
CA THR A 152 12.67 26.72 20.24
C THR A 152 13.24 26.69 18.81
N GLY A 153 12.42 27.17 17.87
CA GLY A 153 12.88 27.57 16.55
C GLY A 153 12.69 26.45 15.55
N VAL A 154 12.29 26.83 14.31
CA VAL A 154 12.05 25.88 13.23
C VAL A 154 12.32 26.51 11.86
N LEU A 155 13.08 25.80 11.02
CA LEU A 155 13.30 26.16 9.63
C LEU A 155 12.02 25.95 8.82
N ARG A 156 11.72 26.87 7.90
CA ARG A 156 10.50 26.81 7.11
C ARG A 156 10.41 25.49 6.35
N ASP A 157 11.51 25.12 5.68
CA ASP A 157 11.51 23.92 4.85
C ASP A 157 11.32 22.67 5.70
N PHE A 158 11.71 22.73 6.98
CA PHE A 158 11.57 21.57 7.83
C PHE A 158 10.11 21.39 8.24
N SER A 159 9.51 22.48 8.74
CA SER A 159 8.07 22.56 8.97
C SER A 159 7.32 21.99 7.77
N ALA A 160 7.85 22.26 6.56
CA ALA A 160 7.17 21.97 5.32
C ALA A 160 7.03 20.46 5.12
N LEU A 161 8.02 19.67 5.55
CA LEU A 161 7.98 18.24 5.34
C LEU A 161 7.05 17.59 6.34
N LEU A 162 7.00 18.16 7.54
CA LEU A 162 6.25 17.57 8.63
C LEU A 162 4.90 18.25 8.73
N GLN A 163 4.06 18.17 7.69
CA GLN A 163 2.73 18.75 7.80
C GLN A 163 1.69 17.67 8.05
N SER A 164 2.07 16.40 7.84
CA SER A 164 1.19 15.26 8.03
C SER A 164 0.77 15.19 9.51
N PRO A 165 -0.49 15.57 9.83
CA PRO A 165 -0.82 15.94 11.20
C PRO A 165 -0.90 14.80 12.21
N GLY A 166 -1.17 13.58 11.73
CA GLY A 166 -1.37 12.44 12.60
C GLY A 166 -0.08 12.02 13.30
N ASP A 167 1.05 12.19 12.61
CA ASP A 167 2.40 11.81 13.06
C ASP A 167 2.61 12.06 14.55
N ALA A 168 2.89 10.99 15.31
N ALA A 168 2.89 10.99 15.31
CA ALA A 168 2.97 11.05 16.77
CA ALA A 168 2.97 11.05 16.77
C ALA A 168 4.31 11.64 17.23
C ALA A 168 4.30 11.64 17.23
N HIS A 169 5.29 11.72 16.32
CA HIS A 169 6.62 12.19 16.65
C HIS A 169 6.86 13.58 16.09
N ARG A 170 5.79 14.21 15.57
CA ARG A 170 5.82 15.51 14.93
C ARG A 170 6.36 16.56 15.89
N GLU A 171 5.94 16.47 17.15
CA GLU A 171 6.30 17.45 18.15
C GLU A 171 7.78 17.31 18.44
N ALA A 172 8.17 16.10 18.83
CA ALA A 172 9.56 15.84 19.15
C ALA A 172 10.47 16.33 18.03
N LEU A 173 10.06 16.13 16.79
CA LEU A 173 10.86 16.52 15.65
C LEU A 173 11.00 18.03 15.56
N LEU A 174 9.87 18.72 15.70
CA LEU A 174 9.86 20.17 15.63
C LEU A 174 10.71 20.76 16.74
N GLN A 175 10.74 20.10 17.91
CA GLN A 175 11.52 20.61 19.02
C GLN A 175 12.99 20.23 18.87
N LEU A 176 13.39 19.59 17.76
CA LEU A 176 14.80 19.36 17.55
C LEU A 176 15.48 20.69 17.24
N PRO A 177 16.73 20.90 17.69
CA PRO A 177 17.49 22.08 17.32
C PRO A 177 17.74 22.19 15.82
N LEU A 178 18.00 23.43 15.39
CA LEU A 178 18.01 23.79 13.98
C LEU A 178 19.12 23.04 13.24
N ALA A 179 20.22 22.73 13.94
CA ALA A 179 21.36 22.06 13.34
C ALA A 179 20.97 20.64 12.90
N VAL A 180 20.19 19.94 13.73
CA VAL A 180 19.69 18.63 13.36
C VAL A 180 18.71 18.76 12.20
N GLN A 181 17.81 19.76 12.27
CA GLN A 181 16.83 20.03 11.21
C GLN A 181 17.51 20.25 9.86
N GLU A 182 18.59 21.03 9.84
CA GLU A 182 19.34 21.35 8.63
C GLU A 182 19.96 20.08 8.04
N GLU A 183 20.46 19.18 8.88
CA GLU A 183 21.06 17.95 8.39
C GLU A 183 19.99 17.04 7.79
N LEU A 184 18.83 16.99 8.44
CA LEU A 184 17.71 16.19 7.96
C LEU A 184 17.24 16.74 6.62
N LEU A 185 17.27 18.06 6.45
CA LEU A 185 16.89 18.63 5.16
C LEU A 185 17.89 18.18 4.12
N SER A 186 19.17 18.25 4.47
CA SER A 186 20.25 17.90 3.56
C SER A 186 20.12 16.44 3.12
N LEU A 187 19.66 15.56 4.04
CA LEU A 187 19.44 14.16 3.76
C LEU A 187 18.28 13.97 2.78
N VAL A 188 17.19 14.71 3.00
CA VAL A 188 16.00 14.57 2.18
C VAL A 188 16.29 15.08 0.77
N GLN A 189 17.09 16.15 0.70
CA GLN A 189 17.47 16.78 -0.55
C GLN A 189 18.36 15.82 -1.34
N GLU A 190 19.26 15.15 -0.63
CA GLU A 190 20.13 14.15 -1.22
C GLU A 190 19.31 13.02 -1.85
N ALA A 191 18.20 12.65 -1.20
CA ALA A 191 17.39 11.52 -1.58
C ALA A 191 16.43 11.87 -2.71
N SER A 192 16.24 13.16 -3.00
CA SER A 192 15.38 13.59 -4.09
C SER A 192 16.18 14.37 -5.15
N ASP B 6 -33.95 -21.20 -7.05
CA ASP B 6 -34.33 -19.84 -7.52
C ASP B 6 -33.58 -19.51 -8.82
N ARG B 7 -34.35 -19.04 -9.80
CA ARG B 7 -33.83 -18.39 -10.99
C ARG B 7 -34.39 -16.97 -11.06
N PHE B 8 -33.89 -16.19 -12.00
CA PHE B 8 -34.47 -14.89 -12.27
C PHE B 8 -34.09 -14.44 -13.68
N ALA B 9 -34.82 -13.43 -14.15
CA ALA B 9 -34.73 -13.00 -15.54
C ALA B 9 -34.10 -11.61 -15.60
N VAL B 10 -33.45 -11.37 -16.73
CA VAL B 10 -32.99 -10.03 -17.06
C VAL B 10 -33.21 -9.87 -18.56
N SER B 11 -32.88 -8.68 -19.09
CA SER B 11 -33.01 -8.39 -20.51
C SER B 11 -32.05 -9.26 -21.31
N ALA B 12 -32.55 -9.81 -22.42
CA ALA B 12 -31.68 -10.51 -23.35
C ALA B 12 -30.68 -9.53 -23.94
N GLU B 13 -31.07 -8.27 -24.11
CA GLU B 13 -30.15 -7.24 -24.58
C GLU B 13 -29.02 -6.95 -23.58
N ALA B 14 -29.09 -7.47 -22.34
CA ALA B 14 -28.05 -7.25 -21.33
C ALA B 14 -27.20 -8.49 -21.07
N GLU B 15 -27.34 -9.51 -21.92
CA GLU B 15 -26.60 -10.75 -21.77
C GLU B 15 -25.11 -10.47 -21.97
N ASN B 16 -24.79 -9.54 -22.87
CA ASN B 16 -23.41 -9.13 -23.12
C ASN B 16 -22.78 -8.69 -21.81
N LYS B 17 -23.57 -7.97 -21.00
CA LYS B 17 -23.10 -7.45 -19.73
C LYS B 17 -22.85 -8.62 -18.78
N VAL B 18 -23.84 -9.51 -18.69
CA VAL B 18 -23.74 -10.65 -17.79
C VAL B 18 -22.44 -11.41 -18.05
N ARG B 19 -22.10 -11.60 -19.33
CA ARG B 19 -20.98 -12.45 -19.69
C ARG B 19 -19.65 -11.74 -19.43
N GLU B 20 -19.59 -10.44 -19.71
CA GLU B 20 -18.41 -9.68 -19.39
C GLU B 20 -18.11 -9.75 -17.89
N GLN B 21 -19.15 -9.62 -17.06
CA GLN B 21 -18.96 -9.49 -15.62
C GLN B 21 -18.89 -10.86 -14.94
N GLN B 22 -19.15 -11.92 -15.70
CA GLN B 22 -19.32 -13.22 -15.11
C GLN B 22 -18.11 -13.54 -14.21
N PRO B 23 -16.87 -13.49 -14.71
CA PRO B 23 -15.70 -13.81 -13.91
C PRO B 23 -15.57 -12.97 -12.64
N HIS B 24 -15.96 -11.70 -12.73
CA HIS B 24 -15.84 -10.82 -11.58
C HIS B 24 -16.88 -11.23 -10.56
N VAL B 25 -18.05 -11.65 -11.04
CA VAL B 25 -19.14 -11.99 -10.15
C VAL B 25 -18.79 -13.29 -9.43
N GLU B 26 -18.21 -14.22 -10.18
CA GLU B 26 -17.84 -15.50 -9.60
C GLU B 26 -16.76 -15.27 -8.53
N ARG B 27 -15.76 -14.44 -8.87
CA ARG B 27 -14.67 -14.13 -7.95
C ARG B 27 -15.17 -13.41 -6.71
N ILE B 28 -15.98 -12.37 -6.88
CA ILE B 28 -16.36 -11.49 -5.78
C ILE B 28 -17.34 -12.21 -4.85
N PHE B 29 -18.38 -12.81 -5.43
CA PHE B 29 -19.44 -13.38 -4.61
C PHE B 29 -19.25 -14.88 -4.40
N SER B 30 -18.24 -15.46 -5.07
CA SER B 30 -18.01 -16.89 -4.96
C SER B 30 -19.29 -17.65 -5.35
N VAL B 31 -19.75 -17.41 -6.59
CA VAL B 31 -20.97 -18.04 -7.08
C VAL B 31 -20.71 -18.57 -8.48
N GLY B 32 -21.55 -19.51 -8.90
CA GLY B 32 -21.62 -19.88 -10.31
C GLY B 32 -22.76 -19.12 -10.98
N VAL B 33 -22.51 -18.57 -12.17
CA VAL B 33 -23.55 -17.93 -12.95
C VAL B 33 -23.81 -18.79 -14.18
N SER B 34 -25.06 -19.19 -14.37
CA SER B 34 -25.49 -19.90 -15.55
C SER B 34 -26.57 -19.08 -16.25
N VAL B 35 -26.51 -19.05 -17.58
CA VAL B 35 -27.56 -18.54 -18.43
C VAL B 35 -28.26 -19.71 -19.10
N LEU B 36 -29.59 -19.76 -18.96
CA LEU B 36 -30.35 -20.81 -19.62
C LEU B 36 -30.54 -20.45 -21.08
N PRO B 37 -30.51 -21.44 -22.00
CA PRO B 37 -30.98 -21.22 -23.36
C PRO B 37 -32.39 -20.64 -23.40
N LYS B 38 -32.70 -19.87 -24.44
CA LYS B 38 -34.02 -19.27 -24.62
C LYS B 38 -34.98 -20.30 -25.22
N ASP B 39 -36.26 -20.30 -24.80
CA ASP B 39 -37.23 -21.31 -25.27
C ASP B 39 -37.66 -20.98 -26.70
N CYS B 40 -37.67 -19.68 -27.03
CA CYS B 40 -37.90 -19.21 -28.38
C CYS B 40 -36.82 -18.21 -28.73
N PRO B 41 -36.43 -18.10 -30.01
CA PRO B 41 -35.39 -17.15 -30.41
C PRO B 41 -35.73 -15.69 -30.17
N ASP B 42 -37.01 -15.34 -30.30
CA ASP B 42 -37.46 -13.96 -30.20
C ASP B 42 -37.57 -13.50 -28.73
N ASN B 43 -37.14 -14.33 -27.76
CA ASN B 43 -37.37 -14.04 -26.35
C ASN B 43 -36.64 -12.76 -25.93
N PRO B 44 -37.35 -11.83 -25.24
CA PRO B 44 -36.76 -10.56 -24.82
C PRO B 44 -36.01 -10.67 -23.51
N HIS B 45 -36.26 -11.76 -22.77
CA HIS B 45 -35.58 -12.07 -21.52
C HIS B 45 -34.69 -13.29 -21.65
N ILE B 46 -33.81 -13.46 -20.66
CA ILE B 46 -33.01 -14.64 -20.45
C ILE B 46 -33.07 -15.00 -18.96
N TRP B 47 -33.10 -16.28 -18.68
CA TRP B 47 -33.11 -16.75 -17.31
C TRP B 47 -31.68 -16.97 -16.83
N LEU B 48 -31.41 -16.53 -15.60
CA LEU B 48 -30.14 -16.81 -14.95
C LEU B 48 -30.38 -17.73 -13.77
N GLN B 49 -29.37 -18.54 -13.48
CA GLN B 49 -29.35 -19.33 -12.26
C GLN B 49 -28.02 -19.12 -11.57
N LEU B 50 -28.06 -18.96 -10.27
CA LEU B 50 -26.86 -18.76 -9.49
C LEU B 50 -26.63 -19.97 -8.62
N GLU B 51 -25.35 -20.36 -8.53
CA GLU B 51 -24.95 -21.51 -7.75
C GLU B 51 -24.14 -21.01 -6.56
N GLY B 52 -24.62 -21.33 -5.36
CA GLY B 52 -23.81 -21.25 -4.17
C GLY B 52 -24.67 -20.98 -2.95
N PRO B 53 -24.04 -20.63 -1.81
CA PRO B 53 -24.76 -20.27 -0.59
C PRO B 53 -25.74 -19.11 -0.77
N LYS B 54 -26.88 -19.18 -0.09
CA LYS B 54 -27.96 -18.24 -0.36
C LYS B 54 -27.49 -16.80 -0.12
N GLU B 55 -26.67 -16.57 0.90
CA GLU B 55 -26.13 -15.24 1.14
C GLU B 55 -25.41 -14.74 -0.11
N ASN B 56 -24.38 -15.49 -0.55
CA ASN B 56 -23.62 -15.15 -1.72
C ASN B 56 -24.51 -14.88 -2.95
N ALA B 57 -25.55 -15.73 -3.10
CA ALA B 57 -26.40 -15.70 -4.28
C ALA B 57 -27.31 -14.48 -4.28
N SER B 58 -27.84 -14.13 -3.09
CA SER B 58 -28.66 -12.94 -2.95
C SER B 58 -27.87 -11.74 -3.44
N ARG B 59 -26.61 -11.63 -3.00
CA ARG B 59 -25.80 -10.46 -3.25
C ARG B 59 -25.48 -10.37 -4.74
N ALA B 60 -25.14 -11.53 -5.31
CA ALA B 60 -24.84 -11.64 -6.73
C ALA B 60 -26.06 -11.24 -7.57
N LYS B 61 -27.22 -11.78 -7.19
CA LYS B 61 -28.50 -11.45 -7.80
C LYS B 61 -28.69 -9.93 -7.91
N GLU B 62 -28.54 -9.24 -6.78
CA GLU B 62 -28.77 -7.80 -6.73
C GLU B 62 -27.72 -7.09 -7.59
N TYR B 63 -26.48 -7.57 -7.55
CA TYR B 63 -25.44 -7.07 -8.43
C TYR B 63 -25.87 -7.19 -9.89
N LEU B 64 -26.26 -8.40 -10.29
CA LEU B 64 -26.56 -8.70 -11.68
C LEU B 64 -27.78 -7.94 -12.16
N LYS B 65 -28.85 -7.96 -11.36
CA LYS B 65 -30.03 -7.17 -11.67
C LYS B 65 -29.58 -5.73 -11.89
N GLY B 66 -28.82 -5.19 -10.93
CA GLY B 66 -28.43 -3.80 -10.99
C GLY B 66 -27.50 -3.53 -12.17
N LEU B 67 -26.68 -4.51 -12.51
CA LEU B 67 -25.76 -4.37 -13.62
C LEU B 67 -26.54 -4.25 -14.92
N CYS B 68 -27.52 -5.13 -15.10
CA CYS B 68 -28.25 -5.21 -16.36
C CYS B 68 -29.21 -4.03 -16.55
N SER B 69 -29.84 -3.60 -15.45
CA SER B 69 -30.79 -2.49 -15.48
C SER B 69 -30.60 -1.63 -14.23
N PRO B 70 -29.61 -0.72 -14.23
CA PRO B 70 -29.31 0.07 -13.04
C PRO B 70 -30.45 1.04 -12.72
N GLU B 71 -30.89 1.01 -11.45
CA GLU B 71 -31.81 2.01 -10.94
C GLU B 71 -31.10 3.34 -10.71
N LEU B 72 -29.77 3.28 -10.50
CA LEU B 72 -28.97 4.49 -10.29
C LEU B 72 -27.60 4.31 -10.94
N GLN B 73 -27.16 5.32 -11.68
CA GLN B 73 -25.83 5.34 -12.23
C GLN B 73 -25.28 6.76 -12.22
N ASP B 74 -24.16 6.98 -11.51
CA ASP B 74 -23.54 8.29 -11.41
C ASP B 74 -22.14 8.18 -10.81
N GLU B 75 -21.31 9.22 -11.03
CA GLU B 75 -20.02 9.38 -10.37
C GLU B 75 -20.17 10.00 -8.98
N ILE B 76 -19.51 9.38 -8.00
CA ILE B 76 -19.28 9.94 -6.68
C ILE B 76 -17.91 10.60 -6.67
N HIS B 77 -17.75 11.64 -5.83
CA HIS B 77 -16.54 12.43 -5.78
C HIS B 77 -16.02 12.50 -4.36
N TYR B 78 -14.70 12.37 -4.23
CA TYR B 78 -14.04 12.27 -2.94
C TYR B 78 -12.63 12.83 -3.14
N PRO B 79 -11.87 13.11 -2.05
CA PRO B 79 -10.47 13.53 -2.17
C PRO B 79 -9.63 12.54 -2.98
N PRO B 80 -8.93 13.01 -4.04
CA PRO B 80 -8.10 12.16 -4.88
C PRO B 80 -7.13 11.24 -4.16
N LYS B 81 -6.69 11.69 -2.98
CA LYS B 81 -5.81 10.95 -2.09
C LYS B 81 -6.41 9.61 -1.65
N LEU B 82 -7.74 9.50 -1.76
CA LEU B 82 -8.46 8.31 -1.33
C LEU B 82 -8.55 7.29 -2.45
N HIS B 83 -8.17 7.70 -3.66
CA HIS B 83 -8.43 6.91 -4.86
C HIS B 83 -7.68 5.58 -4.85
N CYS B 84 -6.53 5.56 -4.18
CA CYS B 84 -5.69 4.39 -4.09
C CYS B 84 -6.49 3.20 -3.54
N ILE B 85 -7.47 3.46 -2.67
CA ILE B 85 -8.24 2.41 -2.02
C ILE B 85 -8.95 1.54 -3.06
N PHE B 86 -9.31 2.14 -4.20
CA PHE B 86 -10.11 1.43 -5.20
C PHE B 86 -9.23 0.68 -6.18
N LEU B 87 -7.94 1.04 -6.29
CA LEU B 87 -7.03 0.45 -7.26
C LEU B 87 -6.02 -0.50 -6.60
N GLY B 88 -5.73 -0.24 -5.31
CA GLY B 88 -4.63 -0.93 -4.65
C GLY B 88 -4.98 -2.37 -4.27
N ALA B 89 -3.93 -3.10 -3.86
CA ALA B 89 -3.97 -4.52 -3.53
C ALA B 89 -4.70 -5.30 -4.63
N GLN B 90 -4.44 -4.90 -5.88
CA GLN B 90 -5.00 -5.53 -7.07
C GLN B 90 -6.52 -5.61 -7.01
N GLY B 91 -7.14 -4.58 -6.43
CA GLY B 91 -8.59 -4.44 -6.47
C GLY B 91 -9.26 -5.11 -5.28
N PHE B 92 -8.46 -5.55 -4.31
CA PHE B 92 -8.99 -6.35 -3.22
C PHE B 92 -10.13 -5.58 -2.51
N PHE B 93 -9.93 -4.28 -2.25
CA PHE B 93 -10.87 -3.54 -1.43
C PHE B 93 -12.13 -3.26 -2.24
N LEU B 94 -11.95 -2.88 -3.52
CA LEU B 94 -13.07 -2.73 -4.43
C LEU B 94 -13.93 -3.98 -4.41
N ASP B 95 -13.29 -5.13 -4.53
CA ASP B 95 -13.99 -6.40 -4.47
C ASP B 95 -14.79 -6.55 -3.17
N CYS B 96 -14.16 -6.22 -2.02
CA CYS B 96 -14.84 -6.35 -0.74
C CYS B 96 -16.04 -5.39 -0.67
N LEU B 97 -15.91 -4.25 -1.34
CA LEU B 97 -16.94 -3.22 -1.35
C LEU B 97 -18.11 -3.64 -2.23
N ALA B 98 -17.78 -4.21 -3.41
CA ALA B 98 -18.80 -4.78 -4.28
C ALA B 98 -19.54 -5.89 -3.54
N TRP B 99 -18.81 -6.70 -2.78
CA TRP B 99 -19.43 -7.77 -2.01
C TRP B 99 -20.44 -7.17 -1.03
N SER B 100 -20.03 -6.11 -0.33
CA SER B 100 -20.80 -5.67 0.82
C SER B 100 -22.02 -4.85 0.38
N THR B 101 -21.99 -4.29 -0.83
CA THR B 101 -23.05 -3.38 -1.29
C THR B 101 -23.86 -3.93 -2.46
N SER B 102 -23.30 -4.84 -3.25
CA SER B 102 -23.90 -5.33 -4.48
C SER B 102 -23.86 -4.26 -5.57
N ALA B 103 -23.10 -3.20 -5.35
CA ALA B 103 -22.94 -2.17 -6.35
C ALA B 103 -21.87 -2.58 -7.35
N HIS B 104 -22.09 -2.16 -8.60
CA HIS B 104 -21.08 -2.18 -9.64
C HIS B 104 -20.27 -0.90 -9.49
N LEU B 105 -18.94 -1.05 -9.35
CA LEU B 105 -18.02 0.02 -9.01
C LEU B 105 -16.92 0.13 -10.05
N VAL B 106 -16.78 1.30 -10.66
CA VAL B 106 -15.76 1.53 -11.67
C VAL B 106 -15.00 2.82 -11.33
N PRO B 107 -13.71 2.75 -10.92
CA PRO B 107 -12.91 3.95 -10.75
C PRO B 107 -12.72 4.71 -12.06
N ARG B 108 -12.81 6.04 -11.98
CA ARG B 108 -12.63 6.94 -13.10
C ARG B 108 -11.39 7.79 -12.81
N ALA B 109 -11.48 9.11 -12.99
CA ALA B 109 -10.35 9.96 -12.60
C ALA B 109 -10.13 9.85 -11.09
N PRO B 110 -8.89 10.10 -10.61
CA PRO B 110 -8.64 10.14 -9.17
C PRO B 110 -9.61 11.07 -8.46
N GLY B 111 -10.31 10.58 -7.44
CA GLY B 111 -11.34 11.33 -6.75
C GLY B 111 -12.73 11.11 -7.36
N SER B 112 -12.87 10.12 -8.25
CA SER B 112 -14.13 9.88 -8.95
C SER B 112 -14.37 8.38 -9.13
N LEU B 113 -15.54 7.92 -8.68
CA LEU B 113 -15.89 6.51 -8.75
C LEU B 113 -17.28 6.42 -9.33
N MET B 114 -17.43 5.68 -10.43
CA MET B 114 -18.74 5.39 -10.99
C MET B 114 -19.39 4.26 -10.19
N ILE B 115 -20.55 4.54 -9.58
CA ILE B 115 -21.32 3.54 -8.86
C ILE B 115 -22.60 3.29 -9.63
N SER B 116 -23.03 2.03 -9.68
CA SER B 116 -24.21 1.67 -10.46
C SER B 116 -24.84 0.42 -9.85
N GLY B 117 -26.17 0.38 -9.94
CA GLY B 117 -26.92 -0.75 -9.43
C GLY B 117 -28.33 -0.35 -9.02
N LEU B 118 -28.95 -1.26 -8.29
CA LEU B 118 -30.21 -0.97 -7.65
C LEU B 118 -30.00 0.22 -6.72
N THR B 119 -31.09 0.80 -6.24
CA THR B 119 -31.00 2.06 -5.51
C THR B 119 -30.37 1.82 -4.14
N GLU B 120 -30.82 0.79 -3.41
CA GLU B 120 -30.28 0.50 -2.10
C GLU B 120 -28.79 0.20 -2.17
N ALA B 121 -28.33 -0.38 -3.28
CA ALA B 121 -26.92 -0.72 -3.47
C ALA B 121 -26.08 0.53 -3.74
N PHE B 122 -26.60 1.44 -4.58
CA PHE B 122 -25.90 2.68 -4.88
C PHE B 122 -25.73 3.51 -3.61
N VAL B 123 -26.81 3.63 -2.84
CA VAL B 123 -26.81 4.37 -1.58
C VAL B 123 -25.85 3.77 -0.55
N MET B 124 -25.81 2.44 -0.42
CA MET B 124 -25.01 1.80 0.62
C MET B 124 -23.52 1.90 0.26
N ALA B 125 -23.20 1.91 -1.05
CA ALA B 125 -21.84 2.10 -1.54
C ALA B 125 -21.41 3.55 -1.38
N GLN B 126 -22.31 4.46 -1.73
CA GLN B 126 -22.03 5.88 -1.56
C GLN B 126 -21.74 6.14 -0.08
N SER B 127 -22.60 5.57 0.77
CA SER B 127 -22.50 5.72 2.21
C SER B 127 -21.13 5.22 2.71
N ARG B 128 -20.76 4.01 2.31
CA ARG B 128 -19.47 3.44 2.67
C ARG B 128 -18.31 4.32 2.18
N VAL B 129 -18.43 4.88 0.97
CA VAL B 129 -17.36 5.70 0.41
C VAL B 129 -17.28 7.04 1.15
N GLU B 130 -18.45 7.61 1.48
CA GLU B 130 -18.50 8.81 2.30
C GLU B 130 -17.83 8.58 3.65
N GLU B 131 -18.08 7.42 4.30
CA GLU B 131 -17.49 7.12 5.59
C GLU B 131 -15.97 7.11 5.52
N LEU B 132 -15.40 6.45 4.51
CA LEU B 132 -13.96 6.46 4.30
C LEU B 132 -13.43 7.88 4.16
N ALA B 133 -14.09 8.67 3.30
CA ALA B 133 -13.66 10.04 3.06
C ALA B 133 -13.73 10.86 4.36
N GLU B 134 -14.79 10.71 5.15
CA GLU B 134 -14.90 11.37 6.44
C GLU B 134 -13.66 11.03 7.28
N ARG B 135 -13.35 9.72 7.37
CA ARG B 135 -12.28 9.24 8.21
C ARG B 135 -10.88 9.68 7.75
N LEU B 136 -10.74 10.13 6.50
CA LEU B 136 -9.49 10.69 6.01
C LEU B 136 -9.15 11.95 6.79
N SER B 137 -10.20 12.68 7.18
CA SER B 137 -10.08 13.91 7.94
C SER B 137 -9.71 13.63 9.39
N TRP B 138 -9.83 12.35 9.84
CA TRP B 138 -9.45 11.97 11.19
C TRP B 138 -7.95 11.69 11.32
N ASP B 139 -7.13 12.64 10.86
CA ASP B 139 -5.69 12.47 10.90
C ASP B 139 -5.20 13.01 12.26
N PHE B 140 -5.05 12.11 13.25
CA PHE B 140 -4.83 12.49 14.63
C PHE B 140 -3.63 11.73 15.22
N THR B 141 -3.18 12.16 16.41
CA THR B 141 -2.02 11.59 17.09
C THR B 141 -2.48 10.64 18.20
N VAL B 154 1.05 3.23 11.32
CA VAL B 154 0.43 2.22 10.42
C VAL B 154 0.06 0.98 11.23
N LEU B 155 -1.18 0.51 11.01
CA LEU B 155 -1.66 -0.74 11.60
C LEU B 155 -0.94 -1.89 10.93
N ARG B 156 -0.44 -2.83 11.75
CA ARG B 156 0.35 -3.92 11.22
C ARG B 156 -0.57 -4.79 10.38
N ASP B 157 -1.83 -4.98 10.79
CA ASP B 157 -2.78 -5.78 10.05
C ASP B 157 -3.04 -5.17 8.68
N PHE B 158 -2.94 -3.84 8.57
CA PHE B 158 -3.24 -3.18 7.32
C PHE B 158 -2.06 -3.40 6.37
N SER B 159 -0.84 -3.11 6.85
CA SER B 159 0.36 -3.40 6.09
C SER B 159 0.37 -4.86 5.64
N ALA B 160 -0.28 -5.74 6.40
CA ALA B 160 -0.29 -7.17 6.13
C ALA B 160 -1.04 -7.48 4.83
N LEU B 161 -2.06 -6.70 4.52
CA LEU B 161 -2.87 -6.89 3.32
C LEU B 161 -2.10 -6.48 2.07
N LEU B 162 -1.17 -5.54 2.19
CA LEU B 162 -0.58 -4.91 1.03
C LEU B 162 0.75 -5.55 0.66
N GLN B 163 0.81 -6.88 0.49
CA GLN B 163 2.09 -7.51 0.18
C GLN B 163 2.17 -7.90 -1.30
N SER B 164 1.05 -7.74 -2.01
CA SER B 164 1.00 -7.81 -3.46
C SER B 164 2.25 -7.14 -4.05
N PRO B 165 3.15 -7.92 -4.69
CA PRO B 165 4.38 -7.38 -5.24
C PRO B 165 4.15 -6.41 -6.39
N GLY B 166 4.91 -5.32 -6.41
CA GLY B 166 4.85 -4.34 -7.49
C GLY B 166 3.53 -3.59 -7.50
N ASP B 167 2.95 -3.36 -6.29
CA ASP B 167 1.75 -2.56 -6.14
C ASP B 167 2.13 -1.08 -6.06
N ALA B 168 1.69 -0.30 -7.06
CA ALA B 168 2.08 1.11 -7.18
C ALA B 168 1.29 2.01 -6.22
N HIS B 169 0.19 1.46 -5.64
CA HIS B 169 -0.65 2.22 -4.74
C HIS B 169 -0.38 1.84 -3.28
N ARG B 170 0.63 1.00 -3.05
CA ARG B 170 0.98 0.54 -1.71
C ARG B 170 1.44 1.73 -0.85
N GLU B 171 2.15 2.67 -1.47
CA GLU B 171 2.65 3.85 -0.76
C GLU B 171 1.45 4.70 -0.34
N ALA B 172 0.66 5.10 -1.33
CA ALA B 172 -0.48 5.96 -1.09
C ALA B 172 -1.35 5.35 0.03
N LEU B 173 -1.51 4.03 0.02
CA LEU B 173 -2.33 3.37 1.01
C LEU B 173 -1.74 3.50 2.40
N LEU B 174 -0.44 3.23 2.50
CA LEU B 174 0.22 3.28 3.79
C LEU B 174 0.19 4.70 4.33
N GLN B 175 0.19 5.70 3.44
CA GLN B 175 0.13 7.09 3.90
C GLN B 175 -1.28 7.50 4.29
N LEU B 176 -2.28 6.61 4.16
CA LEU B 176 -3.60 6.92 4.66
C LEU B 176 -3.56 6.97 6.19
N PRO B 177 -4.35 7.85 6.82
CA PRO B 177 -4.48 7.88 8.27
C PRO B 177 -5.06 6.59 8.83
N LEU B 178 -4.80 6.39 10.12
CA LEU B 178 -5.14 5.15 10.80
C LEU B 178 -6.65 4.89 10.77
N ALA B 179 -7.45 5.95 10.77
CA ALA B 179 -8.89 5.80 10.85
C ALA B 179 -9.44 5.20 9.55
N VAL B 180 -8.88 5.59 8.41
CA VAL B 180 -9.22 4.97 7.14
C VAL B 180 -8.74 3.51 7.15
N GLN B 181 -7.51 3.26 7.62
CA GLN B 181 -6.93 1.93 7.69
C GLN B 181 -7.82 0.97 8.49
N GLU B 182 -8.34 1.45 9.64
CA GLU B 182 -9.19 0.66 10.52
C GLU B 182 -10.50 0.32 9.81
N GLU B 183 -11.05 1.25 9.03
CA GLU B 183 -12.29 1.01 8.29
C GLU B 183 -12.05 -0.05 7.23
N LEU B 184 -10.91 0.04 6.54
CA LEU B 184 -10.60 -0.90 5.47
C LEU B 184 -10.41 -2.29 6.05
N LEU B 185 -9.86 -2.38 7.26
CA LEU B 185 -9.73 -3.69 7.90
C LEU B 185 -11.12 -4.21 8.22
N SER B 186 -11.98 -3.34 8.75
CA SER B 186 -13.33 -3.71 9.12
C SER B 186 -14.12 -4.22 7.91
N LEU B 187 -13.85 -3.64 6.74
CA LEU B 187 -14.47 -4.02 5.49
C LEU B 187 -14.01 -5.42 5.06
N VAL B 188 -12.70 -5.68 5.20
CA VAL B 188 -12.14 -6.95 4.77
C VAL B 188 -12.69 -8.05 5.66
N GLN B 189 -12.83 -7.73 6.96
CA GLN B 189 -13.31 -8.70 7.95
C GLN B 189 -14.76 -9.02 7.64
N GLU B 190 -15.55 -7.99 7.33
CA GLU B 190 -16.93 -8.15 6.90
C GLU B 190 -17.04 -9.14 5.73
N ALA B 191 -16.13 -9.03 4.76
CA ALA B 191 -16.19 -9.73 3.50
C ALA B 191 -15.64 -11.16 3.62
N SER B 192 -14.96 -11.48 4.73
CA SER B 192 -14.42 -12.83 4.95
C SER B 192 -15.02 -13.42 6.22
#